data_8B3Y
#
_entry.id   8B3Y
#
_cell.length_a   59.980
_cell.length_b   69.520
_cell.length_c   81.280
_cell.angle_alpha   90.00
_cell.angle_beta   90.00
_cell.angle_gamma   90.00
#
_symmetry.space_group_name_H-M   'P 21 21 21'
#
loop_
_entity.id
_entity.type
_entity.pdbx_description
1 polymer Endoglucanase
2 non-polymer 'SULFATE ION'
3 water water
#
_entity_poly.entity_id   1
_entity_poly.type   'polypeptide(L)'
_entity_poly.pdbx_seq_one_letter_code
;EVFKGHNLPRLRGAMIGPHVTNADLLEFGNVWKANHIRWQLIWNGFPHSPADSATLDEYRQWLDGALKRLEAALPVCREA
GILVTVDLHTPPGGRNEASECRIFHDREFQKAFIDIWEDIARRFADSDVVWGYDLVNEPVEGMVPDGLMNWQRLAEETAR
RVRAIDQKHAIIIEPAPWGSPSSIALLDPIDVPGVVYSVHMYVPHAFTHQGVYDNPVGIVYPGTIDGKWYDRNTLRKVLE
PVRRFQEENGVHIYIGEFSAIRWAPADSACQYLKDCIEIFEEYGWDWAYHAFREWDGWSVEHGPDRNDRNRTATPTDRAL
LLRSWYAENVKPQFS
;
_entity_poly.pdbx_strand_id   A
#
# COMPACT_ATOMS: atom_id res chain seq x y z
N GLU A 1 0.48 5.77 23.69
CA GLU A 1 -0.99 5.55 23.60
C GLU A 1 -1.58 5.82 22.20
N VAL A 2 -0.72 6.08 21.21
CA VAL A 2 -1.13 6.09 19.81
C VAL A 2 -1.41 4.65 19.38
N PHE A 3 -2.56 4.44 18.75
CA PHE A 3 -2.96 3.13 18.28
C PHE A 3 -2.17 2.72 17.04
N LYS A 4 -1.47 1.57 17.11
CA LYS A 4 -0.83 0.96 15.96
C LYS A 4 -1.49 -0.35 15.54
N GLY A 5 -2.04 -1.11 16.51
CA GLY A 5 -2.65 -2.39 16.21
C GLY A 5 -1.67 -3.55 16.20
N HIS A 6 -0.42 -3.29 16.57
CA HIS A 6 0.59 -4.31 16.76
C HIS A 6 1.49 -3.86 17.90
N ASN A 7 2.26 -4.81 18.45
CA ASN A 7 3.12 -4.58 19.61
C ASN A 7 4.61 -4.59 19.28
N LEU A 8 4.93 -4.32 18.00
CA LEU A 8 6.32 -4.30 17.55
C LEU A 8 6.81 -2.87 17.47
N PRO A 9 8.15 -2.63 17.49
CA PRO A 9 8.65 -1.27 17.31
C PRO A 9 8.26 -0.69 15.95
N ARG A 10 8.20 -1.55 14.94
CA ARG A 10 8.02 -1.10 13.53
C ARG A 10 7.67 -2.29 12.65
N LEU A 11 6.76 -2.08 11.69
CA LEU A 11 6.56 -3.00 10.58
C LEU A 11 7.34 -2.44 9.40
N ARG A 12 8.20 -3.29 8.84
CA ARG A 12 8.99 -3.00 7.62
C ARG A 12 8.90 -4.22 6.71
N GLY A 13 8.35 -4.05 5.52
CA GLY A 13 8.26 -5.13 4.59
C GLY A 13 7.98 -4.64 3.20
N ALA A 14 7.05 -5.32 2.51
CA ALA A 14 6.79 -5.02 1.10
C ALA A 14 5.43 -5.47 0.66
N MET A 15 4.93 -4.83 -0.40
CA MET A 15 3.90 -5.37 -1.23
C MET A 15 4.38 -6.65 -1.86
N ILE A 16 3.46 -7.61 -2.00
CA ILE A 16 3.69 -8.82 -2.76
C ILE A 16 2.76 -8.86 -3.96
N GLY A 17 3.07 -9.76 -4.89
CA GLY A 17 2.23 -10.02 -6.04
C GLY A 17 1.21 -11.11 -5.75
N PRO A 18 0.07 -11.14 -6.46
CA PRO A 18 -0.99 -12.10 -6.18
C PRO A 18 -0.55 -13.55 -6.39
N HIS A 19 0.53 -13.76 -7.15
CA HIS A 19 1.03 -15.09 -7.41
C HIS A 19 2.25 -15.50 -6.59
N VAL A 20 2.50 -14.74 -5.51
CA VAL A 20 3.59 -15.04 -4.59
C VAL A 20 3.46 -16.50 -4.12
N THR A 21 4.58 -17.22 -4.11
CA THR A 21 4.57 -18.61 -3.63
C THR A 21 4.78 -18.70 -2.14
N ASN A 22 4.45 -19.87 -1.56
CA ASN A 22 4.76 -20.09 -0.16
C ASN A 22 6.26 -20.00 0.10
N ALA A 23 7.08 -20.57 -0.80
CA ALA A 23 8.52 -20.46 -0.65
C ALA A 23 9.01 -18.99 -0.68
N ASP A 24 8.41 -18.15 -1.53
CA ASP A 24 8.73 -16.73 -1.59
C ASP A 24 8.48 -16.07 -0.24
N LEU A 25 7.32 -16.37 0.36
CA LEU A 25 6.93 -15.79 1.64
C LEU A 25 7.91 -16.20 2.74
N LEU A 26 8.25 -17.50 2.79
CA LEU A 26 9.18 -18.01 3.80
C LEU A 26 10.58 -17.38 3.64
N GLU A 27 11.03 -17.23 2.40
CA GLU A 27 12.31 -16.57 2.15
C GLU A 27 12.28 -15.11 2.60
N PHE A 28 11.21 -14.40 2.25
CA PHE A 28 11.13 -12.98 2.56
C PHE A 28 11.16 -12.75 4.08
N GLY A 29 10.40 -13.56 4.81
CA GLY A 29 10.34 -13.40 6.26
C GLY A 29 11.56 -13.96 6.98
N ASN A 30 11.97 -15.17 6.62
CA ASN A 30 13.02 -15.85 7.39
C ASN A 30 14.46 -15.54 6.97
N VAL A 31 14.65 -15.15 5.71
CA VAL A 31 15.97 -14.82 5.18
C VAL A 31 16.13 -13.30 4.99
N TRP A 32 15.17 -12.63 4.34
CA TRP A 32 15.28 -11.18 4.18
C TRP A 32 14.97 -10.41 5.47
N LYS A 33 14.27 -11.06 6.41
CA LYS A 33 13.90 -10.54 7.73
C LYS A 33 12.76 -9.52 7.74
N ALA A 34 12.03 -9.42 6.63
CA ALA A 34 10.82 -8.64 6.63
C ALA A 34 9.85 -9.20 7.69
N ASN A 35 9.09 -8.31 8.32
CA ASN A 35 8.07 -8.75 9.30
C ASN A 35 6.66 -8.37 8.87
N HIS A 36 6.51 -8.02 7.59
CA HIS A 36 5.29 -7.43 7.08
C HIS A 36 5.16 -7.59 5.58
N ILE A 37 3.95 -7.87 5.11
CA ILE A 37 3.59 -7.74 3.71
C ILE A 37 2.27 -7.03 3.59
N ARG A 38 2.10 -6.34 2.46
CA ARG A 38 0.78 -5.84 2.02
C ARG A 38 0.28 -6.77 0.92
N TRP A 39 -0.84 -7.45 1.19
CA TRP A 39 -1.39 -8.43 0.29
C TRP A 39 -2.45 -7.75 -0.56
N GLN A 40 -2.12 -7.55 -1.83
CA GLN A 40 -3.03 -6.87 -2.75
C GLN A 40 -4.05 -7.83 -3.35
N LEU A 41 -5.32 -7.57 -3.05
CA LEU A 41 -6.44 -8.24 -3.70
C LEU A 41 -6.72 -7.43 -4.97
N ILE A 42 -6.02 -7.83 -6.05
CA ILE A 42 -5.96 -7.08 -7.31
C ILE A 42 -6.43 -7.99 -8.44
N TRP A 43 -7.32 -7.46 -9.28
CA TRP A 43 -7.83 -8.22 -10.41
C TRP A 43 -7.05 -7.77 -11.65
N ASN A 44 -5.91 -8.43 -11.85
CA ASN A 44 -5.00 -8.30 -12.97
C ASN A 44 -4.13 -7.07 -13.01
N GLY A 45 -4.72 -5.91 -12.78
CA GLY A 45 -3.99 -4.68 -12.95
C GLY A 45 -4.63 -3.52 -12.24
N PHE A 46 -3.94 -2.38 -12.28
CA PHE A 46 -4.34 -1.17 -11.61
C PHE A 46 -3.69 -0.01 -12.37
N PRO A 47 -4.39 1.12 -12.64
CA PRO A 47 -5.76 1.38 -12.19
C PRO A 47 -6.89 0.80 -13.06
N HIS A 48 -6.54 0.16 -14.19
CA HIS A 48 -7.54 -0.46 -15.05
C HIS A 48 -7.53 -1.97 -14.88
N SER A 49 -8.73 -2.55 -14.88
CA SER A 49 -8.94 -3.94 -14.52
C SER A 49 -10.19 -4.46 -15.23
N PRO A 50 -10.34 -5.79 -15.40
CA PRO A 50 -11.62 -6.36 -15.82
C PRO A 50 -12.79 -5.98 -14.90
N ALA A 51 -12.50 -5.63 -13.64
CA ALA A 51 -13.55 -5.19 -12.74
C ALA A 51 -14.32 -4.00 -13.29
N ASP A 52 -13.65 -3.20 -14.14
CA ASP A 52 -14.20 -1.96 -14.69
C ASP A 52 -15.45 -2.23 -15.55
N SER A 53 -15.56 -3.44 -16.10
CA SER A 53 -16.72 -3.81 -16.93
C SER A 53 -17.45 -5.07 -16.45
N ALA A 54 -17.05 -5.63 -15.30
CA ALA A 54 -17.64 -6.86 -14.78
C ALA A 54 -18.88 -6.58 -13.96
N THR A 55 -19.84 -7.51 -14.01
CA THR A 55 -21.00 -7.46 -13.13
C THR A 55 -20.57 -7.74 -11.69
N LEU A 56 -21.44 -7.37 -10.74
CA LEU A 56 -21.17 -7.67 -9.34
C LEU A 56 -20.97 -9.16 -9.09
N ASP A 57 -21.77 -10.02 -9.74
CA ASP A 57 -21.59 -11.47 -9.61
C ASP A 57 -20.19 -11.90 -10.08
N GLU A 58 -19.77 -11.40 -11.25
CA GLU A 58 -18.46 -11.74 -11.77
C GLU A 58 -17.36 -11.29 -10.82
N TYR A 59 -17.50 -10.07 -10.31
CA TYR A 59 -16.55 -9.50 -9.34
C TYR A 59 -16.48 -10.36 -8.07
N ARG A 60 -17.63 -10.71 -7.49
CA ARG A 60 -17.66 -11.52 -6.25
C ARG A 60 -16.99 -12.87 -6.51
N GLN A 61 -17.18 -13.46 -7.69
CA GLN A 61 -16.53 -14.73 -7.98
C GLN A 61 -15.01 -14.57 -8.02
N TRP A 62 -14.53 -13.52 -8.69
CA TRP A 62 -13.11 -13.26 -8.72
C TRP A 62 -12.56 -13.06 -7.32
N LEU A 63 -13.25 -12.24 -6.53
CA LEU A 63 -12.75 -11.90 -5.20
C LEU A 63 -12.71 -13.14 -4.29
N ASP A 64 -13.70 -14.02 -4.43
CA ASP A 64 -13.74 -15.25 -3.64
C ASP A 64 -12.46 -16.08 -3.86
N GLY A 65 -12.03 -16.17 -5.13
CA GLY A 65 -10.79 -16.88 -5.43
C GLY A 65 -9.56 -16.19 -4.84
N ALA A 66 -9.53 -14.86 -4.91
CA ALA A 66 -8.42 -14.10 -4.36
C ALA A 66 -8.33 -14.27 -2.84
N LEU A 67 -9.49 -14.23 -2.18
CA LEU A 67 -9.53 -14.42 -0.73
C LEU A 67 -9.14 -15.82 -0.29
N LYS A 68 -9.46 -16.81 -1.11
CA LYS A 68 -9.10 -18.20 -0.81
C LYS A 68 -7.59 -18.33 -0.72
N ARG A 69 -6.87 -17.73 -1.67
CA ARG A 69 -5.39 -17.82 -1.66
C ARG A 69 -4.85 -17.04 -0.45
N LEU A 70 -5.35 -15.83 -0.19
CA LEU A 70 -4.90 -15.08 0.97
C LEU A 70 -5.06 -15.94 2.25
N GLU A 71 -6.24 -16.54 2.43
CA GLU A 71 -6.50 -17.34 3.61
C GLU A 71 -5.49 -18.50 3.73
N ALA A 72 -5.19 -19.16 2.61
CA ALA A 72 -4.20 -20.25 2.59
C ALA A 72 -2.78 -19.80 2.88
N ALA A 73 -2.47 -18.54 2.56
CA ALA A 73 -1.14 -17.98 2.80
C ALA A 73 -0.90 -17.54 4.23
N LEU A 74 -1.96 -17.29 5.00
CA LEU A 74 -1.78 -16.80 6.37
C LEU A 74 -0.96 -17.73 7.26
N PRO A 75 -1.17 -19.07 7.26
CA PRO A 75 -0.33 -19.95 8.08
C PRO A 75 1.15 -19.90 7.63
N VAL A 76 1.38 -19.62 6.35
CA VAL A 76 2.75 -19.53 5.85
C VAL A 76 3.40 -18.23 6.36
N CYS A 77 2.64 -17.12 6.31
CA CYS A 77 3.08 -15.88 6.93
C CYS A 77 3.41 -16.04 8.42
N ARG A 78 2.59 -16.80 9.14
CA ARG A 78 2.83 -17.10 10.57
C ARG A 78 4.20 -17.76 10.72
N GLU A 79 4.49 -18.77 9.91
CA GLU A 79 5.78 -19.46 9.95
C GLU A 79 6.94 -18.57 9.49
N ALA A 80 6.66 -17.60 8.63
CA ALA A 80 7.65 -16.64 8.15
C ALA A 80 7.87 -15.44 9.09
N GLY A 81 7.08 -15.31 10.16
CA GLY A 81 7.15 -14.16 11.05
C GLY A 81 6.74 -12.85 10.38
N ILE A 82 5.57 -12.87 9.73
CA ILE A 82 5.07 -11.76 8.94
C ILE A 82 3.64 -11.43 9.33
N LEU A 83 3.37 -10.16 9.61
CA LEU A 83 2.01 -9.63 9.76
C LEU A 83 1.52 -9.00 8.45
N VAL A 84 0.23 -9.17 8.15
CA VAL A 84 -0.32 -8.88 6.83
C VAL A 84 -1.33 -7.74 6.81
N THR A 85 -1.17 -6.84 5.84
CA THR A 85 -2.21 -5.89 5.49
C THR A 85 -3.07 -6.51 4.40
N VAL A 86 -4.38 -6.58 4.61
CA VAL A 86 -5.32 -6.99 3.59
C VAL A 86 -5.77 -5.76 2.82
N ASP A 87 -5.32 -5.65 1.55
CA ASP A 87 -5.56 -4.46 0.73
C ASP A 87 -6.58 -4.82 -0.34
N LEU A 88 -7.75 -4.16 -0.29
CA LEU A 88 -8.71 -4.28 -1.38
C LEU A 88 -8.27 -3.34 -2.52
N HIS A 89 -7.50 -3.90 -3.44
CA HIS A 89 -6.81 -3.11 -4.44
C HIS A 89 -7.74 -2.78 -5.59
N THR A 90 -8.61 -3.73 -5.93
CA THR A 90 -9.61 -3.57 -6.98
C THR A 90 -10.98 -3.64 -6.32
N PRO A 91 -11.71 -2.52 -6.19
CA PRO A 91 -13.02 -2.54 -5.55
C PRO A 91 -14.11 -2.99 -6.51
N PRO A 92 -15.32 -3.32 -5.99
CA PRO A 92 -16.42 -3.74 -6.83
C PRO A 92 -16.78 -2.65 -7.83
N GLY A 93 -16.90 -3.01 -9.11
CA GLY A 93 -17.21 -2.07 -10.16
C GLY A 93 -15.98 -1.45 -10.78
N GLY A 94 -14.81 -1.62 -10.15
CA GLY A 94 -13.60 -1.06 -10.69
C GLY A 94 -13.66 0.45 -10.82
N ARG A 95 -13.09 0.95 -11.91
CA ARG A 95 -12.95 2.41 -12.16
C ARG A 95 -13.40 2.76 -13.57
N ASN A 96 -13.85 4.01 -13.75
CA ASN A 96 -14.18 4.49 -15.04
C ASN A 96 -12.91 4.87 -15.81
N GLU A 97 -13.10 5.44 -17.01
CA GLU A 97 -11.98 5.77 -17.89
C GLU A 97 -11.00 6.78 -17.26
N ALA A 98 -11.52 7.63 -16.37
CA ALA A 98 -10.71 8.63 -15.64
C ALA A 98 -10.11 8.10 -14.34
N SER A 99 -10.22 6.78 -14.13
CA SER A 99 -9.70 6.12 -12.93
C SER A 99 -10.44 6.48 -11.63
N GLU A 100 -11.70 6.90 -11.76
CA GLU A 100 -12.54 7.18 -10.60
C GLU A 100 -13.32 5.93 -10.23
N CYS A 101 -13.40 5.63 -8.94
CA CYS A 101 -13.98 4.38 -8.47
C CYS A 101 -15.50 4.38 -8.54
N ARG A 102 -16.07 3.31 -9.09
CA ARG A 102 -17.54 3.16 -9.23
CA ARG A 102 -17.54 3.08 -9.23
C ARG A 102 -18.21 3.04 -7.85
N ILE A 103 -17.47 2.68 -6.79
CA ILE A 103 -18.05 2.70 -5.44
C ILE A 103 -18.55 4.08 -5.01
N PHE A 104 -18.14 5.14 -5.75
CA PHE A 104 -18.61 6.51 -5.48
C PHE A 104 -19.72 6.98 -6.39
N HIS A 105 -20.08 6.15 -7.38
CA HIS A 105 -20.95 6.58 -8.48
C HIS A 105 -22.22 5.77 -8.67
N ASP A 106 -22.23 4.54 -8.15
CA ASP A 106 -23.27 3.56 -8.41
CA ASP A 106 -23.26 3.53 -8.42
C ASP A 106 -23.73 2.95 -7.09
N ARG A 107 -25.04 2.99 -6.84
CA ARG A 107 -25.62 2.50 -5.56
C ARG A 107 -25.29 1.01 -5.35
N GLU A 108 -25.39 0.18 -6.39
CA GLU A 108 -25.14 -1.23 -6.23
C GLU A 108 -23.70 -1.47 -5.80
N PHE A 109 -22.75 -0.78 -6.43
CA PHE A 109 -21.36 -1.01 -6.08
C PHE A 109 -20.96 -0.39 -4.74
N GLN A 110 -21.58 0.74 -4.38
CA GLN A 110 -21.33 1.34 -3.08
C GLN A 110 -21.81 0.43 -1.93
N LYS A 111 -23.03 -0.10 -2.08
CA LYS A 111 -23.57 -1.03 -1.11
C LYS A 111 -22.71 -2.30 -1.04
N ALA A 112 -22.26 -2.80 -2.20
CA ALA A 112 -21.44 -4.00 -2.26
C ALA A 112 -20.13 -3.83 -1.54
N PHE A 113 -19.52 -2.64 -1.65
CA PHE A 113 -18.28 -2.35 -0.95
C PHE A 113 -18.41 -2.62 0.56
N ILE A 114 -19.50 -2.11 1.13
CA ILE A 114 -19.75 -2.28 2.56
C ILE A 114 -20.01 -3.76 2.89
N ASP A 115 -20.84 -4.41 2.10
CA ASP A 115 -21.21 -5.81 2.31
C ASP A 115 -19.98 -6.71 2.22
N ILE A 116 -19.12 -6.46 1.22
CA ILE A 116 -17.90 -7.22 1.03
C ILE A 116 -16.95 -7.05 2.19
N TRP A 117 -16.80 -5.84 2.70
CA TRP A 117 -15.94 -5.60 3.85
C TRP A 117 -16.47 -6.30 5.11
N GLU A 118 -17.78 -6.34 5.28
CA GLU A 118 -18.34 -7.11 6.40
C GLU A 118 -17.95 -8.59 6.27
N ASP A 119 -18.01 -9.14 5.06
CA ASP A 119 -17.66 -10.53 4.83
C ASP A 119 -16.16 -10.79 5.06
N ILE A 120 -15.30 -9.88 4.60
CA ILE A 120 -13.87 -10.03 4.81
C ILE A 120 -13.53 -9.96 6.30
N ALA A 121 -14.12 -9.00 7.01
CA ALA A 121 -13.89 -8.83 8.43
C ALA A 121 -14.33 -10.11 9.21
N ARG A 122 -15.47 -10.70 8.80
CA ARG A 122 -15.99 -11.92 9.47
C ARG A 122 -14.99 -13.05 9.23
N ARG A 123 -14.42 -13.14 8.03
CA ARG A 123 -13.49 -14.23 7.64
C ARG A 123 -12.21 -14.14 8.48
N PHE A 124 -11.71 -12.93 8.73
CA PHE A 124 -10.39 -12.77 9.34
C PHE A 124 -10.38 -12.24 10.76
N ALA A 125 -11.56 -12.10 11.36
CA ALA A 125 -11.69 -11.46 12.69
C ALA A 125 -10.81 -12.07 13.74
N ASP A 126 -10.61 -13.39 13.67
CA ASP A 126 -9.85 -14.12 14.69
C ASP A 126 -8.39 -14.35 14.34
N SER A 127 -7.96 -13.85 13.18
CA SER A 127 -6.60 -14.11 12.71
C SER A 127 -5.59 -13.30 13.51
N ASP A 128 -4.51 -13.95 13.97
CA ASP A 128 -3.40 -13.26 14.59
C ASP A 128 -2.31 -12.82 13.60
N VAL A 129 -2.45 -13.24 12.34
CA VAL A 129 -1.50 -12.92 11.27
C VAL A 129 -1.89 -11.62 10.55
N VAL A 130 -3.18 -11.44 10.28
CA VAL A 130 -3.68 -10.19 9.79
C VAL A 130 -3.42 -9.09 10.80
N TRP A 131 -2.86 -7.98 10.32
CA TRP A 131 -2.67 -6.77 11.10
C TRP A 131 -3.83 -5.81 10.87
N GLY A 132 -4.07 -5.49 9.60
CA GLY A 132 -5.02 -4.45 9.28
C GLY A 132 -5.70 -4.63 7.95
N TYR A 133 -6.80 -3.90 7.83
CA TYR A 133 -7.68 -3.89 6.65
C TYR A 133 -7.58 -2.54 5.94
N ASP A 134 -6.93 -2.52 4.78
CA ASP A 134 -6.76 -1.29 3.98
C ASP A 134 -7.96 -1.23 3.03
N LEU A 135 -8.93 -0.40 3.40
CA LEU A 135 -10.28 -0.50 2.87
C LEU A 135 -10.37 -0.35 1.35
N VAL A 136 -9.61 0.59 0.78
CA VAL A 136 -9.50 0.65 -0.65
C VAL A 136 -8.21 1.32 -1.05
N ASN A 137 -7.55 0.72 -2.04
CA ASN A 137 -6.30 1.27 -2.55
C ASN A 137 -6.56 2.55 -3.37
N GLU A 138 -5.88 3.63 -2.99
CA GLU A 138 -5.81 4.87 -3.79
C GLU A 138 -7.18 5.31 -4.27
N PRO A 139 -8.14 5.59 -3.35
CA PRO A 139 -9.48 5.97 -3.76
C PRO A 139 -9.47 7.28 -4.56
N VAL A 140 -10.32 7.33 -5.59
CA VAL A 140 -10.50 8.53 -6.41
C VAL A 140 -12.01 8.67 -6.62
N GLU A 141 -12.56 9.81 -6.19
CA GLU A 141 -14.00 10.05 -6.16
C GLU A 141 -14.61 10.58 -7.47
N GLY A 142 -13.94 11.53 -8.12
CA GLY A 142 -14.58 12.32 -9.16
C GLY A 142 -15.86 12.99 -8.61
N MET A 143 -16.94 12.98 -9.40
CA MET A 143 -18.23 13.52 -8.98
C MET A 143 -19.00 12.44 -8.23
N VAL A 144 -19.59 12.82 -7.09
CA VAL A 144 -20.38 11.92 -6.26
C VAL A 144 -21.83 12.34 -6.43
N PRO A 145 -22.72 11.46 -6.95
CA PRO A 145 -24.12 11.81 -7.12
C PRO A 145 -24.85 12.04 -5.79
N ASP A 146 -25.89 12.88 -5.82
CA ASP A 146 -26.74 13.05 -4.68
C ASP A 146 -27.30 11.69 -4.32
N GLY A 147 -27.28 11.39 -3.03
CA GLY A 147 -27.78 10.13 -2.52
C GLY A 147 -26.71 9.09 -2.28
N LEU A 148 -25.49 9.33 -2.74
CA LEU A 148 -24.36 8.45 -2.45
C LEU A 148 -23.34 9.11 -1.53
N MET A 149 -22.62 8.28 -0.80
CA MET A 149 -21.56 8.76 0.07
C MET A 149 -20.31 9.07 -0.73
N ASN A 150 -19.62 10.15 -0.36
CA ASN A 150 -18.26 10.40 -0.77
C ASN A 150 -17.32 9.56 0.08
N TRP A 151 -16.00 9.70 -0.14
CA TRP A 151 -15.06 8.86 0.59
C TRP A 151 -15.04 9.12 2.08
N GLN A 152 -15.09 10.37 2.50
CA GLN A 152 -15.12 10.69 3.93
C GLN A 152 -16.24 9.90 4.61
N ARG A 153 -17.43 9.93 4.03
CA ARG A 153 -18.62 9.28 4.65
C ARG A 153 -18.57 7.76 4.45
N LEU A 154 -18.15 7.28 3.28
CA LEU A 154 -18.12 5.84 3.01
C LEU A 154 -17.08 5.16 3.86
N ALA A 155 -15.93 5.80 3.99
CA ALA A 155 -14.89 5.26 4.84
C ALA A 155 -15.49 5.09 6.24
N GLU A 156 -16.06 6.16 6.81
CA GLU A 156 -16.60 6.12 8.16
C GLU A 156 -17.62 4.99 8.32
N GLU A 157 -18.57 4.89 7.40
CA GLU A 157 -19.60 3.86 7.49
C GLU A 157 -18.99 2.46 7.43
N THR A 158 -18.08 2.26 6.47
CA THR A 158 -17.45 0.96 6.27
C THR A 158 -16.63 0.60 7.51
N ALA A 159 -15.87 1.57 8.03
CA ALA A 159 -15.07 1.34 9.23
C ALA A 159 -15.89 0.95 10.43
N ARG A 160 -17.04 1.65 10.60
CA ARG A 160 -18.01 1.34 11.70
C ARG A 160 -18.48 -0.11 11.57
N ARG A 161 -18.82 -0.55 10.37
CA ARG A 161 -19.38 -1.90 10.16
C ARG A 161 -18.27 -2.95 10.39
N VAL A 162 -17.06 -2.66 9.93
CA VAL A 162 -15.95 -3.58 10.13
C VAL A 162 -15.63 -3.68 11.61
N ARG A 163 -15.60 -2.55 12.32
CA ARG A 163 -15.28 -2.52 13.76
C ARG A 163 -16.36 -3.27 14.55
N ALA A 164 -17.62 -3.24 14.11
CA ALA A 164 -18.65 -3.99 14.82
C ALA A 164 -18.30 -5.47 14.82
N ILE A 165 -17.73 -5.96 13.72
CA ILE A 165 -17.41 -7.38 13.56
C ILE A 165 -16.09 -7.79 14.20
N ASP A 166 -15.10 -6.90 14.13
CA ASP A 166 -13.71 -7.22 14.46
C ASP A 166 -13.23 -6.29 15.55
N GLN A 167 -12.90 -6.85 16.70
CA GLN A 167 -12.48 -6.09 17.88
C GLN A 167 -10.97 -5.93 18.06
N LYS A 168 -10.18 -6.34 17.05
CA LYS A 168 -8.72 -6.47 17.21
C LYS A 168 -7.89 -5.72 16.17
N HIS A 169 -8.30 -5.80 14.91
CA HIS A 169 -7.46 -5.37 13.80
C HIS A 169 -7.54 -3.88 13.51
N ALA A 170 -6.43 -3.34 13.02
CA ALA A 170 -6.38 -1.98 12.53
C ALA A 170 -7.28 -1.88 11.30
N ILE A 171 -7.93 -0.71 11.18
CA ILE A 171 -8.61 -0.32 9.97
C ILE A 171 -7.75 0.78 9.36
N ILE A 172 -7.31 0.54 8.12
CA ILE A 172 -6.33 1.40 7.46
C ILE A 172 -7.05 2.21 6.38
N ILE A 173 -6.97 3.53 6.52
CA ILE A 173 -7.68 4.46 5.66
C ILE A 173 -6.69 5.34 4.89
N GLU A 174 -6.73 5.25 3.55
CA GLU A 174 -5.99 6.15 2.66
C GLU A 174 -6.88 7.33 2.29
N PRO A 175 -6.30 8.53 2.11
CA PRO A 175 -7.08 9.69 1.66
C PRO A 175 -7.35 9.64 0.15
N ALA A 176 -8.44 10.29 -0.24
CA ALA A 176 -8.76 10.48 -1.65
C ALA A 176 -8.47 11.93 -2.02
N PRO A 177 -7.94 12.21 -3.23
CA PRO A 177 -7.64 11.20 -4.24
C PRO A 177 -6.24 10.55 -4.14
N TRP A 178 -6.18 9.32 -4.66
CA TRP A 178 -4.95 8.60 -4.98
C TRP A 178 -4.10 8.13 -3.80
N GLY A 179 -4.57 8.30 -2.55
CA GLY A 179 -3.73 8.01 -1.42
C GLY A 179 -2.47 8.87 -1.33
N SER A 180 -2.51 10.05 -1.97
CA SER A 180 -1.33 10.91 -2.09
C SER A 180 -1.05 11.63 -0.77
N PRO A 181 0.23 11.96 -0.47
CA PRO A 181 0.53 12.77 0.71
C PRO A 181 -0.31 14.05 0.79
N SER A 182 -0.44 14.78 -0.33
CA SER A 182 -1.21 16.01 -0.32
C SER A 182 -2.67 15.82 0.06
N SER A 183 -3.21 14.66 -0.30
CA SER A 183 -4.63 14.38 -0.07
C SER A 183 -5.01 14.18 1.40
N ILE A 184 -4.02 13.90 2.25
CA ILE A 184 -4.33 13.67 3.66
C ILE A 184 -4.93 14.92 4.31
N ALA A 185 -4.58 16.10 3.81
CA ALA A 185 -5.13 17.36 4.31
C ALA A 185 -6.64 17.50 4.04
N LEU A 186 -7.17 16.65 3.15
CA LEU A 186 -8.57 16.68 2.75
C LEU A 186 -9.44 15.72 3.54
N LEU A 187 -8.79 14.91 4.37
CA LEU A 187 -9.45 13.89 5.16
C LEU A 187 -9.62 14.38 6.59
N ASP A 188 -10.82 14.22 7.14
CA ASP A 188 -11.04 14.43 8.59
C ASP A 188 -10.87 13.08 9.30
N PRO A 189 -10.23 13.05 10.49
CA PRO A 189 -10.14 11.79 11.24
C PRO A 189 -11.52 11.14 11.43
N ILE A 190 -11.60 9.82 11.27
CA ILE A 190 -12.86 9.14 11.41
C ILE A 190 -13.06 8.67 12.84
N ASP A 191 -14.31 8.74 13.28
CA ASP A 191 -14.68 8.54 14.65
C ASP A 191 -15.04 7.06 14.88
N VAL A 192 -14.03 6.21 14.68
CA VAL A 192 -14.10 4.77 14.89
C VAL A 192 -12.77 4.42 15.55
N PRO A 193 -12.75 3.54 16.58
CA PRO A 193 -11.47 3.21 17.22
C PRO A 193 -10.60 2.30 16.33
N GLY A 194 -9.30 2.36 16.59
CA GLY A 194 -8.37 1.47 15.94
C GLY A 194 -8.13 1.75 14.46
N VAL A 195 -8.10 3.04 14.09
CA VAL A 195 -7.83 3.48 12.73
C VAL A 195 -6.39 3.96 12.60
N VAL A 196 -5.75 3.49 11.53
CA VAL A 196 -4.40 3.88 11.09
C VAL A 196 -4.58 4.53 9.74
N TYR A 197 -3.82 5.61 9.50
CA TYR A 197 -3.93 6.37 8.22
C TYR A 197 -2.73 6.01 7.34
N SER A 198 -2.96 6.01 6.03
CA SER A 198 -1.94 5.55 5.11
C SER A 198 -1.87 6.42 3.87
N VAL A 199 -0.64 6.65 3.40
CA VAL A 199 -0.41 7.29 2.10
C VAL A 199 0.62 6.45 1.35
N HIS A 200 0.72 6.74 0.05
CA HIS A 200 1.70 6.14 -0.83
C HIS A 200 2.65 7.24 -1.29
N MET A 201 3.95 6.89 -1.41
CA MET A 201 4.97 7.88 -1.73
C MET A 201 5.67 7.53 -3.03
N TYR A 202 5.31 8.30 -4.06
CA TYR A 202 5.92 8.20 -5.41
C TYR A 202 6.26 9.59 -5.94
N VAL A 203 6.20 10.63 -5.11
CA VAL A 203 6.42 12.00 -5.59
C VAL A 203 7.92 12.22 -5.74
N PRO A 204 8.45 12.77 -6.85
CA PRO A 204 7.69 13.17 -8.04
C PRO A 204 7.58 12.02 -9.06
N HIS A 205 6.39 11.85 -9.64
CA HIS A 205 6.16 10.78 -10.60
C HIS A 205 7.10 10.84 -11.82
N ALA A 206 7.47 12.05 -12.24
CA ALA A 206 8.38 12.17 -13.37
C ALA A 206 9.69 11.42 -13.10
N PHE A 207 10.07 11.33 -11.83
CA PHE A 207 11.24 10.58 -11.43
C PHE A 207 10.90 9.10 -11.15
N THR A 208 9.96 8.84 -10.26
CA THR A 208 9.74 7.47 -9.76
C THR A 208 9.17 6.56 -10.84
N HIS A 209 8.44 7.16 -11.80
CA HIS A 209 7.82 6.43 -12.90
C HIS A 209 8.45 6.79 -14.28
N GLN A 210 9.70 7.22 -14.28
CA GLN A 210 10.37 7.52 -15.53
C GLN A 210 10.43 6.24 -16.38
N GLY A 211 10.13 6.36 -17.67
CA GLY A 211 10.14 5.24 -18.59
C GLY A 211 8.96 4.28 -18.44
N VAL A 212 7.96 4.71 -17.66
CA VAL A 212 6.69 4.02 -17.50
C VAL A 212 5.65 5.02 -18.04
N TYR A 213 4.57 4.51 -18.61
CA TYR A 213 3.48 5.34 -19.19
C TYR A 213 4.13 6.25 -20.26
N ASP A 214 3.83 7.55 -20.26
CA ASP A 214 4.35 8.48 -21.29
C ASP A 214 5.65 9.17 -20.89
N ASN A 215 6.10 8.88 -19.66
CA ASN A 215 7.21 9.59 -19.00
C ASN A 215 8.59 9.30 -19.58
N PRO A 216 9.37 10.35 -19.91
CA PRO A 216 10.75 10.17 -20.36
C PRO A 216 11.69 9.54 -19.31
N VAL A 217 12.75 8.89 -19.77
CA VAL A 217 13.84 8.41 -18.91
C VAL A 217 14.95 9.44 -18.78
N GLY A 218 15.92 9.15 -17.91
CA GLY A 218 17.11 9.96 -17.75
C GLY A 218 17.01 11.03 -16.69
N ILE A 219 16.13 10.82 -15.70
CA ILE A 219 15.85 11.82 -14.69
C ILE A 219 16.61 11.43 -13.43
N VAL A 220 17.59 12.27 -13.07
CA VAL A 220 18.49 12.02 -11.94
C VAL A 220 17.89 12.55 -10.65
N TYR A 221 18.11 11.80 -9.57
CA TYR A 221 17.77 12.23 -8.18
C TYR A 221 18.99 12.00 -7.30
N PRO A 222 19.39 12.97 -6.43
CA PRO A 222 18.86 14.32 -6.39
C PRO A 222 19.08 15.10 -7.69
N GLY A 223 18.29 16.15 -7.90
CA GLY A 223 18.43 16.95 -9.10
C GLY A 223 17.23 17.82 -9.31
N THR A 224 17.29 18.61 -10.38
CA THR A 224 16.16 19.42 -10.78
C THR A 224 15.17 18.53 -11.52
N ILE A 225 13.91 18.53 -11.05
CA ILE A 225 12.84 17.69 -11.60
C ILE A 225 11.57 18.54 -11.57
N ASP A 226 10.84 18.55 -12.70
CA ASP A 226 9.66 19.40 -12.86
C ASP A 226 9.98 20.87 -12.49
N GLY A 227 11.20 21.31 -12.85
CA GLY A 227 11.68 22.68 -12.59
C GLY A 227 11.98 23.03 -11.13
N LYS A 228 12.02 22.01 -10.26
CA LYS A 228 12.18 22.18 -8.82
C LYS A 228 13.37 21.33 -8.35
N TRP A 229 14.12 21.82 -7.37
CA TRP A 229 15.18 21.02 -6.77
C TRP A 229 14.60 19.93 -5.87
N TYR A 230 14.99 18.68 -6.17
CA TYR A 230 14.57 17.49 -5.38
C TYR A 230 15.77 16.87 -4.66
N ASP A 231 15.64 16.76 -3.34
CA ASP A 231 16.55 16.01 -2.49
C ASP A 231 15.76 15.62 -1.25
N ARG A 232 16.44 15.11 -0.23
CA ARG A 232 15.77 14.63 1.01
CA ARG A 232 15.68 14.60 0.94
C ARG A 232 14.91 15.74 1.63
N ASN A 233 15.40 16.99 1.58
CA ASN A 233 14.63 18.08 2.15
C ASN A 233 13.32 18.34 1.37
N THR A 234 13.37 18.19 0.04
CA THR A 234 12.17 18.33 -0.77
C THR A 234 11.16 17.23 -0.39
N LEU A 235 11.67 15.99 -0.23
CA LEU A 235 10.79 14.89 0.19
C LEU A 235 10.15 15.13 1.55
N ARG A 236 10.90 15.72 2.48
CA ARG A 236 10.36 16.14 3.80
CA ARG A 236 10.34 16.12 3.81
C ARG A 236 9.20 17.12 3.58
N LYS A 237 9.36 18.06 2.65
CA LYS A 237 8.30 19.01 2.38
C LYS A 237 7.04 18.33 1.81
N VAL A 238 7.23 17.38 0.89
CA VAL A 238 6.13 16.63 0.31
C VAL A 238 5.33 15.92 1.42
N LEU A 239 6.04 15.36 2.39
CA LEU A 239 5.45 14.57 3.45
C LEU A 239 4.95 15.38 4.65
N GLU A 240 5.20 16.70 4.65
CA GLU A 240 4.82 17.56 5.76
C GLU A 240 3.33 17.48 6.10
N PRO A 241 2.39 17.47 5.14
CA PRO A 241 0.98 17.38 5.51
C PRO A 241 0.68 16.07 6.28
N VAL A 242 1.41 15.00 5.98
CA VAL A 242 1.21 13.71 6.62
C VAL A 242 1.72 13.79 8.07
N ARG A 243 2.91 14.34 8.25
CA ARG A 243 3.50 14.60 9.58
C ARG A 243 2.55 15.48 10.40
N ARG A 244 2.00 16.54 9.81
CA ARG A 244 1.06 17.45 10.51
C ARG A 244 -0.19 16.65 10.94
N PHE A 245 -0.74 15.84 10.04
CA PHE A 245 -1.95 15.07 10.36
C PHE A 245 -1.68 14.14 11.55
N GLN A 246 -0.54 13.46 11.51
CA GLN A 246 -0.08 12.58 12.58
C GLN A 246 -0.02 13.30 13.92
N GLU A 247 0.70 14.42 13.94
CA GLU A 247 0.97 15.16 15.17
C GLU A 247 -0.26 15.87 15.72
N GLU A 248 -1.08 16.46 14.83
CA GLU A 248 -2.26 17.19 15.25
C GLU A 248 -3.36 16.29 15.78
N ASN A 249 -3.48 15.08 15.23
CA ASN A 249 -4.56 14.16 15.56
C ASN A 249 -4.18 12.99 16.48
N GLY A 250 -2.87 12.81 16.72
CA GLY A 250 -2.36 11.72 17.56
C GLY A 250 -2.72 10.36 17.00
N VAL A 251 -2.40 10.17 15.73
CA VAL A 251 -2.69 8.97 14.99
C VAL A 251 -1.42 8.37 14.37
N HIS A 252 -1.50 7.09 14.02
CA HIS A 252 -0.40 6.37 13.43
C HIS A 252 -0.48 6.46 11.91
N ILE A 253 0.70 6.46 11.27
CA ILE A 253 0.84 6.53 9.82
C ILE A 253 1.57 5.29 9.33
N TYR A 254 1.04 4.75 8.22
CA TYR A 254 1.55 3.60 7.48
C TYR A 254 1.79 4.00 6.02
N ILE A 255 2.99 3.74 5.52
CA ILE A 255 3.25 3.95 4.12
C ILE A 255 3.00 2.63 3.42
N GLY A 256 1.86 2.53 2.73
CA GLY A 256 1.46 1.28 2.12
C GLY A 256 2.22 0.87 0.88
N GLU A 257 2.76 1.88 0.17
CA GLU A 257 3.60 1.72 -1.02
C GLU A 257 4.54 2.89 -1.16
N PHE A 258 5.76 2.59 -1.58
CA PHE A 258 6.68 3.61 -2.08
C PHE A 258 7.68 2.88 -2.96
N SER A 259 8.18 3.57 -3.97
CA SER A 259 9.19 2.99 -4.87
C SER A 259 9.80 4.03 -5.77
N ALA A 260 10.86 3.60 -6.47
CA ALA A 260 11.40 4.32 -7.62
C ALA A 260 11.82 3.27 -8.61
N ILE A 261 11.54 3.51 -9.88
CA ILE A 261 11.75 2.52 -10.93
C ILE A 261 13.24 2.13 -11.02
N ARG A 262 13.50 0.84 -11.27
CA ARG A 262 14.86 0.27 -11.11
C ARG A 262 15.83 0.89 -12.12
N TRP A 263 15.33 1.33 -13.29
CA TRP A 263 16.19 1.85 -14.32
C TRP A 263 16.40 3.35 -14.27
N ALA A 264 16.04 3.99 -13.17
CA ALA A 264 16.44 5.38 -12.94
C ALA A 264 17.96 5.46 -13.04
N PRO A 265 18.53 6.60 -13.47
CA PRO A 265 19.98 6.68 -13.69
C PRO A 265 20.85 6.52 -12.44
N ALA A 266 21.98 5.83 -12.61
CA ALA A 266 22.99 5.76 -11.57
C ALA A 266 22.35 5.19 -10.31
N ASP A 267 22.68 5.76 -9.14
CA ASP A 267 22.13 5.30 -7.88
C ASP A 267 20.90 6.09 -7.46
N SER A 268 20.24 6.75 -8.43
CA SER A 268 19.12 7.60 -8.10
C SER A 268 17.99 6.89 -7.34
N ALA A 269 17.57 5.73 -7.84
CA ALA A 269 16.49 4.99 -7.18
C ALA A 269 16.88 4.60 -5.74
N CYS A 270 18.10 4.09 -5.57
CA CYS A 270 18.56 3.73 -4.24
C CYS A 270 18.54 4.95 -3.31
N GLN A 271 19.02 6.09 -3.78
N GLN A 271 19.02 6.10 -3.78
CA GLN A 271 19.05 7.28 -2.95
CA GLN A 271 19.04 7.30 -2.94
C GLN A 271 17.65 7.76 -2.58
C GLN A 271 17.64 7.76 -2.57
N TYR A 272 16.72 7.69 -3.53
CA TYR A 272 15.29 8.03 -3.30
C TYR A 272 14.73 7.11 -2.20
N LEU A 273 14.94 5.80 -2.33
CA LEU A 273 14.45 4.88 -1.33
C LEU A 273 15.06 5.14 0.05
N LYS A 274 16.38 5.39 0.08
CA LYS A 274 17.06 5.67 1.31
C LYS A 274 16.50 6.89 1.99
N ASP A 275 16.29 7.95 1.21
CA ASP A 275 15.77 9.19 1.74
C ASP A 275 14.35 9.02 2.29
N CYS A 276 13.51 8.31 1.53
CA CYS A 276 12.15 8.01 1.99
C CYS A 276 12.19 7.27 3.33
N ILE A 277 12.95 6.16 3.36
CA ILE A 277 12.96 5.34 4.56
C ILE A 277 13.46 6.14 5.75
N GLU A 278 14.50 6.95 5.57
CA GLU A 278 15.03 7.72 6.67
C GLU A 278 13.97 8.63 7.26
N ILE A 279 13.20 9.29 6.38
CA ILE A 279 12.12 10.15 6.83
C ILE A 279 11.04 9.35 7.58
N PHE A 280 10.59 8.25 6.97
CA PHE A 280 9.59 7.39 7.61
C PHE A 280 10.05 7.00 9.03
N GLU A 281 11.33 6.62 9.14
CA GLU A 281 11.87 6.15 10.40
C GLU A 281 11.92 7.26 11.45
N GLU A 282 12.28 8.47 11.02
CA GLU A 282 12.30 9.60 11.96
C GLU A 282 10.94 9.80 12.59
N TYR A 283 9.89 9.58 11.79
CA TYR A 283 8.50 9.90 12.19
C TYR A 283 7.80 8.68 12.79
N GLY A 284 8.48 7.52 12.81
CA GLY A 284 7.91 6.32 13.37
C GLY A 284 6.82 5.66 12.53
N TRP A 285 6.89 5.83 11.22
CA TRP A 285 5.90 5.30 10.33
C TRP A 285 6.24 3.88 9.92
N ASP A 286 5.25 3.00 9.96
CA ASP A 286 5.39 1.66 9.40
C ASP A 286 5.40 1.76 7.88
N TRP A 287 6.01 0.78 7.19
CA TRP A 287 6.14 0.88 5.74
C TRP A 287 6.24 -0.43 4.99
N ALA A 288 5.76 -0.38 3.74
CA ALA A 288 5.85 -1.46 2.79
C ALA A 288 6.41 -0.91 1.49
N TYR A 289 7.56 -1.45 1.09
CA TYR A 289 8.19 -1.16 -0.21
C TYR A 289 7.37 -1.80 -1.34
N HIS A 290 7.19 -1.08 -2.46
CA HIS A 290 6.54 -1.66 -3.62
C HIS A 290 7.62 -2.03 -4.65
N ALA A 291 7.86 -3.31 -4.98
CA ALA A 291 7.20 -4.49 -4.44
C ALA A 291 8.19 -5.66 -4.55
N PHE A 292 7.93 -6.71 -3.79
CA PHE A 292 8.74 -7.92 -3.78
C PHE A 292 8.14 -8.92 -4.78
N ARG A 293 8.90 -9.26 -5.81
CA ARG A 293 8.57 -10.30 -6.81
C ARG A 293 7.22 -10.03 -7.48
N GLU A 294 6.97 -8.77 -7.83
CA GLU A 294 5.78 -8.40 -8.59
C GLU A 294 6.31 -7.97 -9.97
N TRP A 295 5.90 -6.80 -10.47
CA TRP A 295 6.40 -6.33 -11.76
C TRP A 295 7.88 -6.01 -11.63
N ASP A 296 8.67 -6.43 -12.62
CA ASP A 296 10.12 -6.29 -12.47
C ASP A 296 10.65 -4.86 -12.46
N GLY A 297 9.83 -3.90 -12.91
CA GLY A 297 10.22 -2.50 -12.84
C GLY A 297 10.46 -2.02 -11.42
N TRP A 298 9.72 -2.62 -10.48
CA TRP A 298 9.80 -2.27 -9.06
C TRP A 298 10.64 -3.28 -8.27
N SER A 299 11.34 -4.18 -8.96
CA SER A 299 12.07 -5.25 -8.30
C SER A 299 13.50 -4.85 -7.93
N VAL A 300 13.88 -5.11 -6.68
CA VAL A 300 15.24 -4.92 -6.22
C VAL A 300 16.13 -6.12 -6.55
N GLU A 301 15.56 -7.12 -7.23
CA GLU A 301 16.32 -8.26 -7.73
C GLU A 301 16.66 -8.15 -9.21
N HIS A 302 16.26 -7.01 -9.82
CA HIS A 302 16.52 -6.70 -11.22
C HIS A 302 17.35 -5.43 -11.32
N GLY A 303 17.95 -5.22 -12.49
CA GLY A 303 19.05 -4.31 -12.66
C GLY A 303 18.75 -2.97 -13.30
N PRO A 304 19.80 -2.27 -13.78
CA PRO A 304 19.67 -0.89 -14.24
C PRO A 304 19.13 -0.74 -15.67
N ASP A 305 19.04 -1.83 -16.43
CA ASP A 305 18.74 -1.74 -17.86
C ASP A 305 17.29 -2.16 -18.09
N ARG A 306 16.49 -1.22 -18.60
CA ARG A 306 15.04 -1.39 -18.83
C ARG A 306 14.78 -2.61 -19.73
N ASN A 307 15.65 -2.86 -20.72
CA ASN A 307 15.49 -3.96 -21.65
C ASN A 307 15.95 -5.33 -21.15
N ASP A 308 16.57 -5.38 -19.96
CA ASP A 308 16.99 -6.64 -19.35
C ASP A 308 15.98 -7.06 -18.27
N ARG A 309 15.29 -8.18 -18.50
CA ARG A 309 14.24 -8.74 -17.61
C ARG A 309 14.83 -9.80 -16.67
N ASN A 310 16.13 -10.07 -16.75
CA ASN A 310 16.74 -11.12 -15.93
C ASN A 310 17.15 -10.59 -14.57
N ARG A 311 17.04 -11.43 -13.54
CA ARG A 311 17.53 -11.08 -12.19
C ARG A 311 19.03 -10.79 -12.28
N THR A 312 19.53 -9.93 -11.41
CA THR A 312 20.95 -9.62 -11.33
C THR A 312 21.69 -10.82 -10.72
N ALA A 313 22.98 -10.95 -11.03
CA ALA A 313 23.80 -12.04 -10.52
C ALA A 313 24.15 -11.84 -9.04
N THR A 314 24.29 -10.57 -8.63
CA THR A 314 24.68 -10.22 -7.26
C THR A 314 23.74 -9.15 -6.71
N PRO A 315 23.64 -8.98 -5.37
CA PRO A 315 22.67 -8.06 -4.78
C PRO A 315 22.80 -6.61 -5.27
N THR A 316 21.66 -6.00 -5.57
CA THR A 316 21.60 -4.60 -5.90
C THR A 316 21.76 -3.75 -4.64
N ASP A 317 22.17 -2.50 -4.81
CA ASP A 317 22.23 -1.55 -3.70
C ASP A 317 20.86 -1.39 -3.03
N ARG A 318 19.80 -1.40 -3.83
CA ARG A 318 18.43 -1.27 -3.28
C ARG A 318 18.10 -2.49 -2.39
N ALA A 319 18.46 -3.70 -2.84
CA ALA A 319 18.18 -4.88 -2.03
C ALA A 319 18.97 -4.83 -0.70
N LEU A 320 20.24 -4.44 -0.77
CA LEU A 320 21.07 -4.32 0.40
C LEU A 320 20.51 -3.29 1.37
N LEU A 321 20.01 -2.18 0.83
CA LEU A 321 19.36 -1.15 1.64
C LEU A 321 18.14 -1.74 2.37
N LEU A 322 17.24 -2.38 1.63
CA LEU A 322 16.05 -2.92 2.26
C LEU A 322 16.42 -3.94 3.34
N ARG A 323 17.35 -4.84 3.03
CA ARG A 323 17.73 -5.86 4.06
C ARG A 323 18.42 -5.19 5.28
N SER A 324 19.14 -4.13 5.08
CA SER A 324 19.75 -3.48 6.20
C SER A 324 18.69 -2.92 7.18
N TRP A 325 17.55 -2.50 6.65
CA TRP A 325 16.45 -2.01 7.45
C TRP A 325 15.62 -3.15 8.03
N TYR A 326 15.35 -4.18 7.24
CA TYR A 326 14.63 -5.36 7.74
C TYR A 326 15.43 -6.00 8.91
N ALA A 327 16.75 -5.90 8.90
CA ALA A 327 17.58 -6.44 9.98
C ALA A 327 17.32 -5.77 11.32
N GLU A 328 16.70 -4.58 11.31
CA GLU A 328 16.27 -3.91 12.54
C GLU A 328 14.96 -4.46 13.12
N ASN A 329 14.22 -5.22 12.32
CA ASN A 329 12.91 -5.68 12.72
C ASN A 329 12.94 -6.60 13.95
N VAL A 330 11.83 -6.55 14.69
CA VAL A 330 11.43 -7.58 15.65
C VAL A 330 10.32 -8.37 14.99
N LYS A 331 10.39 -9.70 15.14
CA LYS A 331 9.40 -10.61 14.58
CA LYS A 331 9.37 -10.54 14.55
C LYS A 331 8.17 -10.66 15.47
N PRO A 332 6.95 -10.75 14.90
CA PRO A 332 5.76 -11.03 15.72
C PRO A 332 5.89 -12.38 16.44
N GLN A 333 5.40 -12.44 17.68
CA GLN A 333 5.33 -13.66 18.47
C GLN A 333 3.91 -14.16 18.39
N PHE A 334 3.74 -15.41 17.93
CA PHE A 334 2.45 -16.03 17.80
C PHE A 334 2.27 -17.11 18.88
N SER A 335 1.01 -17.35 19.26
CA SER A 335 0.69 -18.42 20.22
C SER A 335 0.89 -19.80 19.60
#